data_8XGV
#
_entry.id   8XGV
#
_cell.length_a   103.581
_cell.length_b   103.581
_cell.length_c   55.469
_cell.angle_alpha   90.000
_cell.angle_beta   90.000
_cell.angle_gamma   120.000
#
_symmetry.space_group_name_H-M   'P 61'
#
loop_
_entity.id
_entity.type
_entity.pdbx_description
1 polymer 'Kelch-like ECH-associated protein 1'
2 non-polymer '(2~{R},3~{S})-3-[[(2~{S})-2-[4-[(3-ethoxypyridin-2-yl)methyl]phenyl]-2-fluoranyl-ethanoyl]amino]-2-methyl-3-(4-methylphenyl)propanoic acid'
3 non-polymer 'ACETATE ION'
4 non-polymer 'SULFATE ION'
5 water water
#
_entity_poly.entity_id   1
_entity_poly.type   'polypeptide(L)'
_entity_poly.pdbx_seq_one_letter_code
;LHKPTQVMPCRAPKVGRLIYTAGGYFRQSLSYLEAYNPSDGTWLRLADLQVPRSGLAGCVVGGLLYAVGGRNNSPDGNTD
SSALDCYNPMTNQWSPCAPMSVPRNRIGVGVIDGHIYAVGGSHGCIHHNSVERYEPERDEWHLVAPMLTRRIGVGVAVLN
RLLYAVGGFDGTNRLNSAECYYPERNEWRMITAMNTIRSGAGVCVLHNCIYAAGGYDGQDQLNSVERYDVETETWTFVAP
MKHRRSALGITVHQGRIYVLGGYDGHTFLDSVECYDPDTDTWSEVTRMTSGRSGVGVAVTMEPCRKQIDQQNCTC
;
_entity_poly.pdbx_strand_id   A
#
loop_
_chem_comp.id
_chem_comp.type
_chem_comp.name
_chem_comp.formula
A1LVC non-polymer '(2~{R},3~{S})-3-[[(2~{S})-2-[4-[(3-ethoxypyridin-2-yl)methyl]phenyl]-2-fluoranyl-ethanoyl]amino]-2-methyl-3-(4-methylphenyl)propanoic acid' 'C27 H29 F N2 O4'
ACT non-polymer 'ACETATE ION' 'C2 H3 O2 -1'
SO4 non-polymer 'SULFATE ION' 'O4 S -2'
#
# COMPACT_ATOMS: atom_id res chain seq x y z
N ALA A 12 22.52 2.26 -3.05
CA ALA A 12 21.10 2.06 -2.75
C ALA A 12 20.56 0.78 -3.39
N PRO A 13 20.84 0.52 -4.69
CA PRO A 13 20.47 -0.74 -5.31
C PRO A 13 21.37 -1.88 -4.81
N LYS A 14 20.83 -3.10 -4.79
CA LYS A 14 21.61 -4.29 -4.40
C LYS A 14 20.98 -5.47 -5.12
N VAL A 15 21.78 -6.48 -5.41
CA VAL A 15 21.29 -7.68 -6.13
C VAL A 15 20.43 -8.55 -5.22
N GLY A 16 19.42 -9.21 -5.77
CA GLY A 16 18.70 -10.23 -5.06
C GLY A 16 17.40 -9.82 -4.41
N ARG A 17 16.84 -8.66 -4.77
CA ARG A 17 15.58 -8.22 -4.15
C ARG A 17 14.38 -8.66 -4.98
N LEU A 18 13.31 -9.02 -4.28
CA LEU A 18 12.07 -9.47 -4.87
C LEU A 18 10.92 -8.57 -4.46
N ILE A 19 9.88 -8.55 -5.28
CA ILE A 19 8.63 -7.88 -4.97
C ILE A 19 7.70 -8.89 -4.32
N TYR A 20 7.42 -8.70 -3.04
CA TYR A 20 6.57 -9.62 -2.28
C TYR A 20 5.15 -9.09 -2.28
N THR A 21 4.18 -9.97 -2.51
CA THR A 21 2.76 -9.64 -2.44
C THR A 21 2.08 -10.57 -1.46
N ALA A 22 1.38 -9.98 -0.51
CA ALA A 22 0.74 -10.71 0.57
C ALA A 22 -0.75 -10.44 0.58
N GLY A 23 -1.52 -11.49 0.80
CA GLY A 23 -2.94 -11.34 1.01
C GLY A 23 -3.69 -10.94 -0.24
N GLY A 24 -4.81 -10.29 -0.03
CA GLY A 24 -5.66 -9.84 -1.12
C GLY A 24 -7.05 -10.42 -1.03
N TYR A 25 -7.82 -10.17 -2.09
CA TYR A 25 -9.22 -10.56 -2.18
C TYR A 25 -9.53 -11.11 -3.56
N PHE A 26 -10.16 -12.28 -3.57
CA PHE A 26 -10.84 -12.82 -4.75
C PHE A 26 -11.85 -13.82 -4.21
N ARG A 27 -13.13 -13.44 -4.23
CA ARG A 27 -14.20 -14.23 -3.65
C ARG A 27 -14.19 -14.16 -2.13
N GLN A 28 -13.01 -14.29 -1.52
CA GLN A 28 -12.82 -14.08 -0.09
C GLN A 28 -11.41 -13.56 0.11
N SER A 29 -11.10 -13.19 1.34
CA SER A 29 -9.76 -12.76 1.67
C SER A 29 -8.80 -13.93 1.56
N LEU A 30 -7.55 -13.62 1.18
CA LEU A 30 -6.57 -14.60 0.76
C LEU A 30 -5.39 -14.63 1.72
N SER A 31 -4.70 -15.76 1.71
CA SER A 31 -3.54 -15.99 2.57
C SER A 31 -2.22 -16.03 1.83
N TYR A 32 -2.22 -15.75 0.52
CA TYR A 32 -1.02 -15.96 -0.26
C TYR A 32 0.12 -15.03 0.15
N LEU A 33 1.33 -15.57 0.10
CA LEU A 33 2.54 -14.77 0.03
C LEU A 33 3.33 -15.29 -1.16
N GLU A 34 3.51 -14.44 -2.16
CA GLU A 34 4.23 -14.77 -3.38
C GLU A 34 5.21 -13.67 -3.70
N ALA A 35 6.34 -14.03 -4.30
CA ALA A 35 7.41 -13.07 -4.53
C ALA A 35 7.87 -13.14 -5.97
N TYR A 36 7.90 -12.00 -6.63
CA TYR A 36 8.28 -11.87 -8.04
C TYR A 36 9.71 -11.37 -8.16
N ASN A 37 10.46 -11.99 -9.05
CA ASN A 37 11.86 -11.61 -9.28
C ASN A 37 11.97 -10.90 -10.62
N PRO A 38 12.11 -9.56 -10.67
CA PRO A 38 12.19 -8.87 -11.96
C PRO A 38 13.37 -9.34 -12.81
N SER A 39 14.43 -9.85 -12.17
N SER A 39 14.47 -9.80 -12.12
CA SER A 39 15.66 -10.24 -12.92
CA SER A 39 15.66 -10.17 -12.86
C SER A 39 15.39 -11.47 -13.80
C SER A 39 15.46 -11.43 -13.71
N ASP A 40 14.41 -12.32 -13.44
CA ASP A 40 14.22 -13.57 -14.22
C ASP A 40 12.74 -13.85 -14.51
N GLY A 41 11.81 -13.00 -14.06
CA GLY A 41 10.41 -13.18 -14.39
C GLY A 41 9.68 -14.24 -13.58
N THR A 42 10.30 -14.82 -12.56
CA THR A 42 9.69 -15.92 -11.84
C THR A 42 8.92 -15.44 -10.62
N TRP A 43 7.96 -16.27 -10.22
CA TRP A 43 7.23 -16.11 -8.97
C TRP A 43 7.55 -17.28 -8.06
N LEU A 44 7.74 -17.00 -6.78
CA LEU A 44 7.90 -18.02 -5.76
C LEU A 44 6.66 -18.00 -4.86
N ARG A 45 6.19 -19.17 -4.51
CA ARG A 45 5.12 -19.31 -3.52
C ARG A 45 5.78 -19.56 -2.17
N LEU A 46 5.50 -18.70 -1.22
CA LEU A 46 6.12 -18.73 0.09
C LEU A 46 5.06 -19.06 1.15
N ALA A 47 5.45 -18.99 2.41
CA ALA A 47 4.56 -19.44 3.47
C ALA A 47 3.30 -18.57 3.52
N ASP A 48 2.15 -19.23 3.61
CA ASP A 48 0.88 -18.53 3.73
C ASP A 48 0.86 -17.69 5.01
N LEU A 49 0.16 -16.57 4.95
CA LEU A 49 -0.22 -15.83 6.13
C LEU A 49 -0.95 -16.74 7.10
N GLN A 50 -0.81 -16.47 8.39
CA GLN A 50 -1.51 -17.25 9.40
C GLN A 50 -3.02 -17.01 9.35
N VAL A 51 -3.44 -15.81 8.99
CA VAL A 51 -4.86 -15.45 8.91
C VAL A 51 -5.08 -14.79 7.55
N PRO A 52 -6.10 -15.18 6.76
CA PRO A 52 -6.36 -14.51 5.50
C PRO A 52 -6.67 -13.03 5.74
N ARG A 53 -6.23 -12.20 4.81
CA ARG A 53 -6.50 -10.76 4.94
C ARG A 53 -6.50 -10.04 3.60
N SER A 54 -7.47 -9.17 3.40
CA SER A 54 -7.54 -8.26 2.24
C SER A 54 -7.50 -6.84 2.81
N GLY A 55 -7.14 -5.85 2.03
CA GLY A 55 -7.15 -4.49 2.52
C GLY A 55 -6.05 -4.17 3.50
N LEU A 56 -4.99 -4.98 3.50
CA LEU A 56 -3.82 -4.81 4.35
C LEU A 56 -2.80 -3.95 3.63
N ALA A 57 -1.72 -3.64 4.33
CA ALA A 57 -0.57 -3.01 3.70
C ALA A 57 0.67 -3.78 4.08
N GLY A 58 1.66 -3.73 3.19
CA GLY A 58 2.96 -4.29 3.48
C GLY A 58 4.04 -3.23 3.58
N CYS A 59 5.11 -3.57 4.28
CA CYS A 59 6.28 -2.73 4.34
C CYS A 59 7.43 -3.57 4.84
N VAL A 60 8.63 -3.02 4.78
CA VAL A 60 9.85 -3.70 5.18
C VAL A 60 10.64 -2.82 6.13
N VAL A 61 11.13 -3.41 7.22
CA VAL A 61 12.08 -2.76 8.10
C VAL A 61 13.14 -3.80 8.44
N GLY A 62 14.41 -3.44 8.28
CA GLY A 62 15.51 -4.34 8.71
C GLY A 62 15.47 -5.67 8.01
N GLY A 63 15.08 -5.69 6.74
CA GLY A 63 15.05 -6.91 5.93
C GLY A 63 13.90 -7.83 6.31
N LEU A 64 12.97 -7.34 7.11
CA LEU A 64 11.78 -8.15 7.51
C LEU A 64 10.54 -7.56 6.87
N LEU A 65 9.66 -8.42 6.38
CA LEU A 65 8.42 -7.98 5.75
C LEU A 65 7.31 -7.97 6.79
N TYR A 66 6.54 -6.91 6.81
CA TYR A 66 5.42 -6.78 7.72
C TYR A 66 4.12 -6.69 6.95
N ALA A 67 3.11 -7.39 7.47
CA ALA A 67 1.73 -7.32 6.99
C ALA A 67 0.90 -6.68 8.07
N VAL A 68 0.20 -5.59 7.73
CA VAL A 68 -0.42 -4.71 8.71
C VAL A 68 -1.91 -4.56 8.40
N GLY A 69 -2.76 -4.83 9.40
CA GLY A 69 -4.18 -4.55 9.24
C GLY A 69 -4.87 -5.41 8.21
N GLY A 70 -5.96 -4.87 7.67
CA GLY A 70 -6.81 -5.56 6.73
C GLY A 70 -8.10 -6.08 7.35
N ARG A 71 -8.67 -7.08 6.70
CA ARG A 71 -9.90 -7.72 7.13
C ARG A 71 -9.91 -9.14 6.57
N ASN A 72 -10.45 -10.06 7.35
CA ASN A 72 -10.69 -11.40 6.86
C ASN A 72 -12.17 -11.49 6.49
N ASN A 73 -12.44 -11.40 5.20
N ASN A 73 -12.45 -11.31 5.21
CA ASN A 73 -13.77 -11.60 4.64
CA ASN A 73 -13.73 -11.68 4.64
C ASN A 73 -13.82 -13.06 4.20
C ASN A 73 -13.68 -13.15 4.31
N SER A 74 -14.39 -13.96 5.08
CA SER A 74 -14.36 -15.40 4.94
C SER A 74 -15.78 -15.92 4.76
N PRO A 75 -15.94 -17.22 4.48
CA PRO A 75 -17.30 -17.78 4.41
C PRO A 75 -18.12 -17.51 5.66
N ASP A 76 -17.49 -17.48 6.84
CA ASP A 76 -18.22 -17.45 8.10
C ASP A 76 -18.07 -16.14 8.86
N GLY A 77 -17.57 -15.09 8.24
CA GLY A 77 -17.57 -13.80 8.91
C GLY A 77 -16.77 -12.76 8.16
N ASN A 78 -16.82 -11.54 8.68
CA ASN A 78 -15.98 -10.43 8.24
C ASN A 78 -15.36 -9.84 9.48
N THR A 79 -14.06 -10.01 9.65
CA THR A 79 -13.38 -9.57 10.88
C THR A 79 -12.27 -8.59 10.51
N ASP A 80 -12.40 -7.33 10.93
CA ASP A 80 -11.34 -6.36 10.71
C ASP A 80 -10.15 -6.70 11.58
N SER A 81 -8.95 -6.43 11.06
CA SER A 81 -7.71 -6.87 11.67
C SER A 81 -6.96 -5.72 12.32
N SER A 82 -6.54 -5.92 13.57
CA SER A 82 -5.56 -5.08 14.22
C SER A 82 -4.18 -5.70 14.18
N ALA A 83 -3.99 -6.76 13.42
CA ALA A 83 -2.77 -7.56 13.52
C ALA A 83 -1.59 -6.94 12.79
N LEU A 84 -0.43 -7.19 13.35
CA LEU A 84 0.86 -6.96 12.71
C LEU A 84 1.61 -8.29 12.72
N ASP A 85 2.04 -8.74 11.55
CA ASP A 85 2.74 -10.01 11.41
C ASP A 85 4.00 -9.79 10.61
N CYS A 86 5.03 -10.54 10.92
CA CYS A 86 6.35 -10.32 10.37
C CYS A 86 6.86 -11.59 9.71
N TYR A 87 7.29 -11.46 8.46
CA TYR A 87 7.82 -12.57 7.68
C TYR A 87 9.32 -12.40 7.53
N ASN A 88 10.07 -13.45 7.85
CA ASN A 88 11.51 -13.44 7.70
C ASN A 88 11.90 -14.27 6.49
N PRO A 89 12.46 -13.69 5.40
CA PRO A 89 12.81 -14.46 4.22
C PRO A 89 13.85 -15.55 4.54
N MET A 90 14.63 -15.33 5.58
CA MET A 90 15.69 -16.30 5.94
C MET A 90 15.07 -17.62 6.42
N THR A 91 13.92 -17.56 7.08
CA THR A 91 13.30 -18.78 7.67
C THR A 91 12.00 -19.17 6.98
N ASN A 92 11.49 -18.34 6.08
CA ASN A 92 10.19 -18.60 5.46
C ASN A 92 9.11 -18.81 6.51
N GLN A 93 9.16 -18.03 7.59
CA GLN A 93 8.16 -18.10 8.65
C GLN A 93 7.59 -16.73 8.98
N TRP A 94 6.30 -16.72 9.25
CA TRP A 94 5.59 -15.58 9.80
C TRP A 94 5.55 -15.65 11.32
N SER A 95 5.71 -14.49 11.97
CA SER A 95 5.65 -14.41 13.42
C SER A 95 4.70 -13.27 13.81
N PRO A 96 3.78 -13.49 14.75
CA PRO A 96 2.96 -12.38 15.23
C PRO A 96 3.77 -11.34 15.99
N CYS A 97 3.35 -10.10 15.87
CA CYS A 97 3.91 -8.95 16.60
C CYS A 97 2.79 -8.33 17.42
N ALA A 98 3.13 -7.31 18.19
CA ALA A 98 2.11 -6.66 18.98
C ALA A 98 1.04 -6.08 18.07
N PRO A 99 -0.23 -6.17 18.45
CA PRO A 99 -1.30 -5.61 17.60
C PRO A 99 -1.45 -4.10 17.76
N MET A 100 -2.02 -3.50 16.74
CA MET A 100 -2.41 -2.11 16.80
C MET A 100 -3.53 -1.91 17.81
N SER A 101 -3.76 -0.64 18.14
CA SER A 101 -4.76 -0.26 19.13
C SER A 101 -6.18 -0.49 18.64
N VAL A 102 -6.39 -0.52 17.33
N VAL A 102 -6.39 -0.61 17.34
CA VAL A 102 -7.72 -0.65 16.73
CA VAL A 102 -7.73 -0.64 16.77
C VAL A 102 -7.59 -1.51 15.49
C VAL A 102 -7.66 -1.39 15.44
N PRO A 103 -8.68 -2.15 15.06
CA PRO A 103 -8.67 -2.79 13.75
C PRO A 103 -8.65 -1.73 12.65
N ARG A 104 -7.93 -2.01 11.57
CA ARG A 104 -7.79 -1.07 10.44
C ARG A 104 -7.83 -1.82 9.12
N ASN A 105 -8.99 -1.88 8.50
CA ASN A 105 -9.14 -2.40 7.16
C ASN A 105 -8.93 -1.28 6.17
N ARG A 106 -8.39 -1.63 5.00
CA ARG A 106 -8.11 -0.63 3.95
C ARG A 106 -7.22 0.48 4.51
N ILE A 107 -6.15 0.02 5.14
CA ILE A 107 -5.11 0.80 5.78
C ILE A 107 -4.08 1.27 4.77
N GLY A 108 -3.35 2.31 5.15
CA GLY A 108 -2.10 2.67 4.49
C GLY A 108 -0.98 2.69 5.51
N VAL A 109 0.22 2.36 5.08
CA VAL A 109 1.38 2.36 5.95
C VAL A 109 2.56 3.04 5.29
N GLY A 110 3.45 3.58 6.11
CA GLY A 110 4.73 4.12 5.65
C GLY A 110 5.76 3.94 6.73
N VAL A 111 7.03 3.90 6.35
CA VAL A 111 8.13 3.71 7.28
C VAL A 111 8.98 4.97 7.32
N ILE A 112 9.22 5.49 8.53
CA ILE A 112 10.19 6.56 8.71
C ILE A 112 11.20 6.09 9.74
N ASP A 113 12.49 6.13 9.38
CA ASP A 113 13.59 5.84 10.28
C ASP A 113 13.34 4.58 11.10
N GLY A 114 12.93 3.52 10.40
CA GLY A 114 12.76 2.22 11.01
C GLY A 114 11.50 2.03 11.80
N HIS A 115 10.55 2.95 11.70
CA HIS A 115 9.30 2.87 12.44
C HIS A 115 8.13 2.82 11.48
N ILE A 116 7.16 1.97 11.76
CA ILE A 116 6.02 1.75 10.87
C ILE A 116 4.87 2.63 11.33
N TYR A 117 4.36 3.46 10.44
CA TYR A 117 3.16 4.25 10.70
C TYR A 117 1.96 3.59 10.04
N ALA A 118 0.94 3.32 10.84
CA ALA A 118 -0.33 2.78 10.39
C ALA A 118 -1.34 3.91 10.36
N VAL A 119 -1.96 4.11 9.21
CA VAL A 119 -2.72 5.30 8.93
C VAL A 119 -4.16 4.94 8.55
N GLY A 120 -5.12 5.51 9.27
CA GLY A 120 -6.51 5.44 8.81
C GLY A 120 -7.09 4.04 8.79
N GLY A 121 -7.91 3.79 7.78
CA GLY A 121 -8.63 2.53 7.65
C GLY A 121 -9.98 2.55 8.33
N SER A 122 -10.70 1.43 8.21
CA SER A 122 -12.05 1.29 8.75
C SER A 122 -12.13 0.17 9.76
N HIS A 123 -13.14 0.28 10.62
CA HIS A 123 -13.53 -0.79 11.54
C HIS A 123 -15.06 -0.77 11.55
N GLY A 124 -15.68 -1.70 10.86
CA GLY A 124 -17.11 -1.60 10.64
C GLY A 124 -17.44 -0.26 10.01
N CYS A 125 -18.43 0.43 10.56
CA CYS A 125 -18.81 1.74 10.04
C CYS A 125 -17.95 2.88 10.56
N ILE A 126 -16.91 2.60 11.34
CA ILE A 126 -16.02 3.63 11.85
C ILE A 126 -14.93 3.89 10.82
N HIS A 127 -14.78 5.16 10.44
CA HIS A 127 -13.74 5.63 9.48
C HIS A 127 -12.68 6.34 10.31
N HIS A 128 -11.48 5.79 10.36
CA HIS A 128 -10.45 6.35 11.23
C HIS A 128 -9.73 7.53 10.63
N ASN A 129 -9.47 8.55 11.46
CA ASN A 129 -8.38 9.48 11.21
C ASN A 129 -7.17 9.22 12.08
N SER A 130 -7.25 8.29 13.02
CA SER A 130 -6.16 8.01 13.91
C SER A 130 -4.98 7.38 13.16
N VAL A 131 -3.82 7.54 13.78
CA VAL A 131 -2.53 7.10 13.24
C VAL A 131 -1.71 6.60 14.42
N GLU A 132 -1.03 5.48 14.23
CA GLU A 132 -0.18 4.93 15.28
C GLU A 132 1.15 4.46 14.70
N ARG A 133 2.17 4.39 15.55
CA ARG A 133 3.53 4.14 15.14
C ARG A 133 4.10 2.95 15.90
N TYR A 134 4.72 2.03 15.16
CA TYR A 134 5.30 0.81 15.70
C TYR A 134 6.80 0.90 15.75
N GLU A 135 7.34 0.45 16.89
CA GLU A 135 8.78 0.39 17.17
C GLU A 135 9.21 -1.07 17.14
N PRO A 136 9.87 -1.55 16.08
CA PRO A 136 10.16 -2.99 16.00
C PRO A 136 11.04 -3.54 17.10
N GLU A 137 12.09 -2.83 17.52
CA GLU A 137 12.96 -3.41 18.53
C GLU A 137 12.24 -3.57 19.86
N ARG A 138 11.39 -2.61 20.21
CA ARG A 138 10.61 -2.65 21.44
C ARG A 138 9.29 -3.42 21.30
N ASP A 139 8.87 -3.73 20.08
CA ASP A 139 7.59 -4.40 19.82
C ASP A 139 6.44 -3.67 20.51
N GLU A 140 6.32 -2.38 20.24
CA GLU A 140 5.26 -1.57 20.81
C GLU A 140 4.69 -0.63 19.77
N TRP A 141 3.39 -0.41 19.85
CA TRP A 141 2.68 0.62 19.12
C TRP A 141 2.31 1.76 20.06
N HIS A 142 2.32 2.97 19.53
CA HIS A 142 1.79 4.14 20.24
C HIS A 142 1.08 5.06 19.26
N LEU A 143 0.00 5.68 19.71
CA LEU A 143 -0.72 6.62 18.87
C LEU A 143 0.10 7.88 18.70
N VAL A 144 0.05 8.47 17.50
CA VAL A 144 0.60 9.78 17.24
C VAL A 144 -0.54 10.72 16.88
N ALA A 145 -0.24 11.89 16.38
CA ALA A 145 -1.31 12.84 16.06
C ALA A 145 -2.22 12.27 14.98
N PRO A 146 -3.54 12.42 15.12
CA PRO A 146 -4.46 11.97 14.06
C PRO A 146 -4.42 12.90 12.85
N MET A 147 -4.77 12.32 11.71
CA MET A 147 -4.92 13.10 10.50
C MET A 147 -6.03 14.14 10.64
N LEU A 148 -6.01 15.11 9.75
CA LEU A 148 -7.06 16.11 9.70
C LEU A 148 -8.33 15.57 9.08
N THR A 149 -8.20 14.46 8.35
CA THR A 149 -9.33 13.86 7.61
C THR A 149 -9.42 12.37 7.91
N ARG A 150 -10.63 11.85 8.04
CA ARG A 150 -10.86 10.39 8.17
C ARG A 150 -10.64 9.80 6.78
N ARG A 151 -9.78 8.79 6.67
CA ARG A 151 -9.41 8.24 5.34
C ARG A 151 -9.30 6.73 5.37
N ILE A 152 -10.17 6.04 4.64
CA ILE A 152 -10.09 4.60 4.40
C ILE A 152 -9.72 4.41 2.94
N GLY A 153 -8.98 3.35 2.66
CA GLY A 153 -8.47 3.21 1.30
C GLY A 153 -7.47 4.29 0.98
N VAL A 154 -6.69 4.68 1.95
CA VAL A 154 -5.74 5.79 1.87
C VAL A 154 -4.41 5.28 1.35
N GLY A 155 -3.81 6.08 0.48
CA GLY A 155 -2.47 5.79 0.00
C GLY A 155 -1.44 6.53 0.85
N VAL A 156 -0.37 5.85 1.21
CA VAL A 156 0.64 6.40 2.11
C VAL A 156 2.03 6.21 1.51
N ALA A 157 2.86 7.23 1.60
CA ALA A 157 4.25 7.09 1.20
C ALA A 157 5.12 8.08 1.96
N VAL A 158 6.42 7.84 1.96
CA VAL A 158 7.37 8.62 2.75
C VAL A 158 8.42 9.16 1.79
N LEU A 159 8.72 10.44 1.92
CA LEU A 159 9.79 11.05 1.16
C LEU A 159 10.50 12.05 2.05
N ASN A 160 11.82 11.98 2.10
CA ASN A 160 12.60 12.93 2.89
C ASN A 160 12.11 12.96 4.33
N ARG A 161 11.80 11.78 4.89
CA ARG A 161 11.43 11.64 6.30
C ARG A 161 10.19 12.44 6.64
N LEU A 162 9.29 12.56 5.66
CA LEU A 162 7.96 13.16 5.88
C LEU A 162 6.97 12.07 5.45
N LEU A 163 5.80 12.03 6.08
N LEU A 163 5.79 12.04 6.07
CA LEU A 163 4.80 10.97 5.76
CA LEU A 163 4.80 10.97 5.77
C LEU A 163 3.61 11.61 5.03
C LEU A 163 3.60 11.61 5.05
N TYR A 164 3.18 11.00 3.93
CA TYR A 164 2.05 11.56 3.14
C TYR A 164 0.87 10.60 3.10
N ALA A 165 -0.31 11.14 3.38
CA ALA A 165 -1.57 10.39 3.29
C ALA A 165 -2.39 11.00 2.18
N VAL A 166 -2.77 10.19 1.20
CA VAL A 166 -3.27 10.67 -0.08
C VAL A 166 -4.61 10.04 -0.41
N GLY A 167 -5.63 10.88 -0.61
CA GLY A 167 -6.92 10.38 -1.06
C GLY A 167 -7.60 9.52 -0.01
N GLY A 168 -8.41 8.60 -0.50
CA GLY A 168 -9.20 7.73 0.34
C GLY A 168 -10.69 8.06 0.28
N PHE A 169 -11.39 7.55 1.29
CA PHE A 169 -12.84 7.64 1.42
C PHE A 169 -13.12 7.96 2.88
N ASP A 170 -13.93 8.98 3.14
CA ASP A 170 -14.21 9.40 4.50
C ASP A 170 -15.50 8.81 5.04
N GLY A 171 -16.10 7.88 4.32
CA GLY A 171 -17.37 7.28 4.71
C GLY A 171 -18.55 7.82 3.94
N THR A 172 -18.40 9.01 3.36
CA THR A 172 -19.42 9.65 2.55
C THR A 172 -18.87 10.01 1.17
N ASN A 173 -17.72 10.65 1.09
CA ASN A 173 -17.14 11.09 -0.16
C ASN A 173 -15.75 10.48 -0.35
N ARG A 174 -15.44 10.14 -1.59
CA ARG A 174 -14.06 9.86 -1.96
C ARG A 174 -13.33 11.19 -2.09
N LEU A 175 -12.02 11.16 -1.88
CA LEU A 175 -11.24 12.35 -1.59
C LEU A 175 -10.17 12.59 -2.64
N ASN A 176 -10.02 13.85 -3.05
CA ASN A 176 -8.81 14.28 -3.74
C ASN A 176 -7.80 14.94 -2.80
N SER A 177 -8.15 15.13 -1.54
CA SER A 177 -7.25 15.83 -0.64
C SER A 177 -6.09 14.92 -0.23
N ALA A 178 -5.05 15.56 0.31
CA ALA A 178 -3.87 14.87 0.81
C ALA A 178 -3.27 15.72 1.93
N GLU A 179 -2.50 15.06 2.78
CA GLU A 179 -1.91 15.72 3.94
C GLU A 179 -0.58 15.09 4.27
N CYS A 180 0.24 15.83 5.01
CA CYS A 180 1.59 15.44 5.33
C CYS A 180 1.83 15.53 6.83
N TYR A 181 2.53 14.54 7.37
CA TYR A 181 2.90 14.47 8.78
C TYR A 181 4.37 14.83 8.94
N TYR A 182 4.62 15.76 9.86
CA TYR A 182 5.94 16.31 10.13
C TYR A 182 6.36 15.76 11.48
N PRO A 183 7.23 14.75 11.54
CA PRO A 183 7.41 14.02 12.80
C PRO A 183 7.93 14.87 13.94
N GLU A 184 8.83 15.80 13.67
CA GLU A 184 9.41 16.59 14.75
C GLU A 184 8.40 17.55 15.36
N ARG A 185 7.26 17.78 14.69
CA ARG A 185 6.19 18.60 15.25
C ARG A 185 4.98 17.77 15.65
N ASN A 186 5.00 16.48 15.37
CA ASN A 186 3.85 15.59 15.57
C ASN A 186 2.57 16.25 15.08
N GLU A 187 2.66 16.70 13.83
N GLU A 187 2.66 16.75 13.83
CA GLU A 187 1.56 17.51 13.28
CA GLU A 187 1.55 17.56 13.29
C GLU A 187 1.28 17.17 11.82
C GLU A 187 1.29 17.26 11.82
N TRP A 188 0.02 17.16 11.45
CA TRP A 188 -0.44 17.00 10.08
C TRP A 188 -0.82 18.34 9.50
N ARG A 189 -0.47 18.56 8.23
CA ARG A 189 -0.90 19.74 7.49
C ARG A 189 -1.39 19.30 6.11
N MET A 190 -2.47 19.91 5.64
CA MET A 190 -2.90 19.61 4.29
C MET A 190 -1.86 20.05 3.28
N ILE A 191 -1.79 19.31 2.18
CA ILE A 191 -1.01 19.75 1.03
C ILE A 191 -1.96 20.04 -0.11
N THR A 192 -1.44 20.50 -1.25
CA THR A 192 -2.26 20.66 -2.44
C THR A 192 -3.07 19.41 -2.73
N ALA A 193 -4.33 19.60 -3.08
CA ALA A 193 -5.19 18.50 -3.44
C ALA A 193 -4.81 17.97 -4.82
N MET A 194 -4.98 16.66 -5.00
CA MET A 194 -4.81 16.04 -6.30
C MET A 194 -5.78 16.61 -7.32
N ASN A 195 -5.42 16.41 -8.58
CA ASN A 195 -6.31 16.78 -9.67
C ASN A 195 -7.54 15.88 -9.73
N THR A 196 -7.45 14.66 -9.21
CA THR A 196 -8.49 13.64 -9.34
C THR A 196 -8.82 13.07 -7.96
N ILE A 197 -10.10 12.86 -7.71
CA ILE A 197 -10.56 12.12 -6.54
C ILE A 197 -10.12 10.67 -6.69
N ARG A 198 -9.45 10.14 -5.65
CA ARG A 198 -8.95 8.76 -5.69
C ARG A 198 -9.07 8.09 -4.33
N SER A 199 -9.91 7.09 -4.26
N SER A 199 -9.90 7.07 -4.23
CA SER A 199 -9.93 6.11 -3.20
CA SER A 199 -9.89 6.14 -3.12
C SER A 199 -9.22 4.86 -3.70
C SER A 199 -9.33 4.81 -3.63
N GLY A 200 -8.46 4.19 -2.85
CA GLY A 200 -7.85 2.96 -3.29
C GLY A 200 -6.79 3.09 -4.34
N ALA A 201 -6.15 4.25 -4.47
CA ALA A 201 -5.03 4.41 -5.39
C ALA A 201 -3.80 3.71 -4.84
N GLY A 202 -2.88 3.38 -5.73
CA GLY A 202 -1.53 3.01 -5.32
C GLY A 202 -0.70 4.26 -5.15
N VAL A 203 -0.07 4.41 -3.99
CA VAL A 203 0.72 5.60 -3.68
C VAL A 203 2.12 5.17 -3.30
N CYS A 204 3.12 5.82 -3.90
CA CYS A 204 4.52 5.49 -3.65
C CYS A 204 5.35 6.74 -3.89
N VAL A 205 6.65 6.62 -3.71
CA VAL A 205 7.58 7.72 -3.92
C VAL A 205 8.62 7.32 -4.94
N LEU A 206 8.96 8.24 -5.82
CA LEU A 206 9.98 7.98 -6.82
C LEU A 206 10.64 9.32 -7.09
N HIS A 207 11.95 9.34 -6.86
CA HIS A 207 12.71 10.59 -6.96
C HIS A 207 12.13 11.56 -5.93
N ASN A 208 11.77 12.77 -6.35
CA ASN A 208 11.30 13.80 -5.38
C ASN A 208 9.78 13.97 -5.49
N CYS A 209 9.09 12.90 -5.91
CA CYS A 209 7.64 13.03 -6.13
C CYS A 209 6.83 11.92 -5.46
N ILE A 210 5.61 12.27 -5.04
CA ILE A 210 4.67 11.25 -4.50
C ILE A 210 3.72 10.92 -5.65
N TYR A 211 3.68 9.67 -6.06
CA TYR A 211 2.80 9.24 -7.15
C TYR A 211 1.52 8.65 -6.60
N ALA A 212 0.41 8.94 -7.28
CA ALA A 212 -0.89 8.33 -7.02
C ALA A 212 -1.38 7.74 -8.34
N ALA A 213 -1.48 6.42 -8.39
CA ALA A 213 -1.84 5.69 -9.59
C ALA A 213 -3.19 5.04 -9.41
N GLY A 214 -4.08 5.23 -10.38
CA GLY A 214 -5.34 4.52 -10.32
C GLY A 214 -6.23 5.00 -9.18
N GLY A 215 -7.06 4.07 -8.73
CA GLY A 215 -8.03 4.34 -7.68
C GLY A 215 -9.44 4.43 -8.22
N TYR A 216 -10.32 4.96 -7.38
CA TYR A 216 -11.76 4.96 -7.61
C TYR A 216 -12.30 6.31 -7.22
N ASP A 217 -13.12 6.91 -8.10
CA ASP A 217 -13.65 8.28 -7.83
C ASP A 217 -15.11 8.22 -7.35
N GLY A 218 -15.62 7.02 -7.11
CA GLY A 218 -17.02 6.85 -6.70
C GLY A 218 -17.90 6.48 -7.88
N GLN A 219 -17.40 6.68 -9.09
CA GLN A 219 -18.16 6.25 -10.29
C GLN A 219 -17.33 5.24 -11.07
N ASP A 220 -16.02 5.51 -11.22
CA ASP A 220 -15.21 4.65 -12.10
C ASP A 220 -13.84 4.33 -11.51
N GLN A 221 -13.29 3.16 -11.84
CA GLN A 221 -11.90 2.85 -11.48
C GLN A 221 -11.09 3.65 -12.50
N LEU A 222 -9.87 4.01 -12.21
CA LEU A 222 -9.08 4.98 -12.97
C LEU A 222 -7.82 4.34 -13.52
N ASN A 223 -7.40 4.80 -14.69
CA ASN A 223 -6.05 4.52 -15.19
C ASN A 223 -5.10 5.70 -15.11
N SER A 224 -5.56 6.88 -14.74
CA SER A 224 -4.70 8.05 -14.69
C SER A 224 -3.74 7.94 -13.50
N VAL A 225 -2.62 8.63 -13.63
CA VAL A 225 -1.55 8.67 -12.65
C VAL A 225 -1.06 10.10 -12.55
N GLU A 226 -0.90 10.58 -11.31
CA GLU A 226 -0.38 11.92 -11.11
C GLU A 226 0.67 11.91 -10.01
N ARG A 227 1.51 12.92 -10.02
CA ARG A 227 2.60 12.99 -9.06
C ARG A 227 2.72 14.37 -8.45
N TYR A 228 3.02 14.38 -7.16
CA TYR A 228 3.17 15.58 -6.34
C TYR A 228 4.65 15.86 -6.17
N ASP A 229 5.10 17.00 -6.66
CA ASP A 229 6.48 17.44 -6.48
C ASP A 229 6.54 18.16 -5.15
N VAL A 230 7.30 17.62 -4.20
CA VAL A 230 7.25 18.12 -2.83
C VAL A 230 7.86 19.51 -2.69
N GLU A 231 8.64 19.95 -3.66
CA GLU A 231 9.23 21.27 -3.68
C GLU A 231 8.27 22.29 -4.30
N THR A 232 7.73 21.98 -5.49
CA THR A 232 6.87 22.94 -6.19
C THR A 232 5.44 22.89 -5.71
N GLU A 233 5.05 21.84 -4.98
CA GLU A 233 3.73 21.69 -4.39
C GLU A 233 2.63 21.57 -5.43
N THR A 234 2.95 21.00 -6.59
CA THR A 234 1.99 20.81 -7.65
C THR A 234 1.81 19.33 -7.93
N TRP A 235 0.62 18.97 -8.40
CA TRP A 235 0.33 17.65 -8.92
C TRP A 235 0.27 17.71 -10.44
N THR A 236 0.97 16.79 -11.10
CA THR A 236 1.05 16.74 -12.56
C THR A 236 0.72 15.32 -13.03
N PHE A 237 -0.13 15.20 -14.04
CA PHE A 237 -0.39 13.89 -14.62
C PHE A 237 0.83 13.40 -15.39
N VAL A 238 1.08 12.09 -15.29
CA VAL A 238 2.06 11.42 -16.14
C VAL A 238 1.31 10.47 -17.06
N ALA A 239 2.01 9.62 -17.78
CA ALA A 239 1.32 8.71 -18.67
C ALA A 239 0.40 7.80 -17.87
N PRO A 240 -0.80 7.50 -18.39
CA PRO A 240 -1.71 6.62 -17.70
C PRO A 240 -1.31 5.15 -17.81
N MET A 241 -1.74 4.37 -16.83
CA MET A 241 -1.53 2.91 -16.89
C MET A 241 -2.36 2.39 -18.07
N LYS A 242 -1.98 1.24 -18.58
CA LYS A 242 -2.74 0.62 -19.68
C LYS A 242 -4.07 0.13 -19.13
N HIS A 243 -4.09 -0.28 -17.87
CA HIS A 243 -5.32 -0.90 -17.32
C HIS A 243 -5.87 -0.15 -16.12
N ARG A 244 -7.12 0.28 -16.20
CA ARG A 244 -7.81 0.87 -15.07
C ARG A 244 -7.79 -0.08 -13.89
N ARG A 245 -7.62 0.48 -12.70
CA ARG A 245 -7.52 -0.41 -11.53
C ARG A 245 -7.59 0.33 -10.21
N SER A 246 -8.35 -0.22 -9.26
N SER A 246 -8.31 -0.23 -9.24
CA SER A 246 -8.37 0.37 -7.88
CA SER A 246 -8.39 0.38 -7.89
C SER A 246 -8.04 -0.77 -6.91
C SER A 246 -8.07 -0.75 -6.90
N ALA A 247 -7.68 -0.43 -5.67
CA ALA A 247 -7.29 -1.46 -4.68
C ALA A 247 -6.11 -2.24 -5.28
N LEU A 248 -5.20 -1.50 -5.89
CA LEU A 248 -3.98 -2.12 -6.49
C LEU A 248 -2.81 -2.07 -5.51
N GLY A 249 -1.94 -3.06 -5.59
CA GLY A 249 -0.67 -2.99 -4.89
C GLY A 249 0.32 -2.16 -5.67
N ILE A 250 1.30 -1.60 -4.99
CA ILE A 250 2.29 -0.75 -5.64
C ILE A 250 3.61 -0.85 -4.89
N THR A 251 4.70 -0.72 -5.64
CA THR A 251 6.01 -0.57 -5.01
C THR A 251 6.95 0.03 -6.02
N VAL A 252 8.14 0.36 -5.55
CA VAL A 252 9.20 0.90 -6.39
C VAL A 252 10.38 -0.03 -6.30
N HIS A 253 11.03 -0.27 -7.44
CA HIS A 253 12.19 -1.14 -7.46
C HIS A 253 13.06 -0.69 -8.62
N GLN A 254 14.33 -0.42 -8.34
CA GLN A 254 15.31 -0.06 -9.37
C GLN A 254 14.80 1.12 -10.22
N GLY A 255 14.21 2.11 -9.54
CA GLY A 255 13.84 3.34 -10.17
C GLY A 255 12.58 3.29 -10.99
N ARG A 256 11.78 2.23 -10.85
CA ARG A 256 10.56 2.04 -11.62
C ARG A 256 9.43 1.72 -10.66
N ILE A 257 8.21 2.10 -11.03
CA ILE A 257 7.02 1.80 -10.26
C ILE A 257 6.39 0.53 -10.79
N TYR A 258 6.01 -0.38 -9.90
CA TYR A 258 5.25 -1.57 -10.26
C TYR A 258 3.88 -1.49 -9.62
N VAL A 259 2.84 -1.71 -10.41
CA VAL A 259 1.47 -1.82 -9.92
C VAL A 259 1.00 -3.25 -10.13
N LEU A 260 0.32 -3.80 -9.12
CA LEU A 260 -0.04 -5.21 -9.08
C LEU A 260 -1.53 -5.39 -8.81
N GLY A 261 -2.22 -6.00 -9.76
CA GLY A 261 -3.59 -6.41 -9.54
C GLY A 261 -4.54 -5.24 -9.36
N GLY A 262 -5.59 -5.49 -8.62
CA GLY A 262 -6.65 -4.54 -8.40
C GLY A 262 -7.97 -5.02 -8.98
N TYR A 263 -8.93 -4.11 -8.99
CA TYR A 263 -10.28 -4.37 -9.45
C TYR A 263 -10.69 -3.23 -10.36
N ASP A 264 -11.41 -3.56 -11.45
CA ASP A 264 -11.81 -2.55 -12.43
C ASP A 264 -13.30 -2.55 -12.68
N GLY A 265 -14.10 -3.21 -11.83
CA GLY A 265 -15.52 -3.35 -12.05
C GLY A 265 -15.94 -4.57 -12.85
N HIS A 266 -15.02 -5.29 -13.47
CA HIS A 266 -15.41 -6.44 -14.27
C HIS A 266 -14.55 -7.62 -13.87
N THR A 267 -13.31 -7.33 -13.50
CA THR A 267 -12.30 -8.36 -13.32
C THR A 267 -11.45 -8.00 -12.13
N PHE A 268 -11.08 -9.03 -11.37
CA PHE A 268 -9.97 -8.96 -10.44
C PHE A 268 -8.70 -9.22 -11.22
N LEU A 269 -7.91 -8.16 -11.38
CA LEU A 269 -6.75 -8.20 -12.31
C LEU A 269 -5.55 -9.01 -11.84
N ASP A 270 -4.90 -9.66 -12.80
CA ASP A 270 -3.62 -10.34 -12.50
C ASP A 270 -2.51 -9.55 -13.20
N SER A 271 -2.90 -8.42 -13.77
N SER A 271 -2.92 -8.44 -13.82
CA SER A 271 -1.93 -7.60 -14.53
CA SER A 271 -1.93 -7.65 -14.60
C SER A 271 -0.91 -6.90 -13.65
C SER A 271 -0.92 -6.93 -13.69
N VAL A 272 0.36 -6.95 -14.05
CA VAL A 272 1.39 -6.15 -13.35
C VAL A 272 1.97 -5.20 -14.40
N GLU A 273 1.99 -3.90 -14.15
CA GLU A 273 2.58 -2.93 -15.04
C GLU A 273 3.75 -2.22 -14.36
N CYS A 274 4.68 -1.75 -15.18
CA CYS A 274 5.91 -1.13 -14.69
C CYS A 274 6.11 0.20 -15.39
N TYR A 275 6.28 1.26 -14.60
CA TYR A 275 6.46 2.62 -15.09
C TYR A 275 7.93 3.02 -15.06
N ASP A 276 8.43 3.47 -16.22
CA ASP A 276 9.76 4.05 -16.33
C ASP A 276 9.65 5.57 -16.39
N PRO A 277 10.12 6.30 -15.38
CA PRO A 277 9.95 7.76 -15.39
C PRO A 277 10.79 8.47 -16.44
N ASP A 278 11.87 7.87 -16.89
CA ASP A 278 12.73 8.54 -17.86
C ASP A 278 12.10 8.54 -19.24
N THR A 279 11.31 7.52 -19.57
CA THR A 279 10.58 7.49 -20.84
C THR A 279 9.11 7.84 -20.67
N ASP A 280 8.63 7.98 -19.44
CA ASP A 280 7.22 8.25 -19.16
C ASP A 280 6.33 7.24 -19.87
N THR A 281 6.64 5.95 -19.66
CA THR A 281 5.91 4.87 -20.29
C THR A 281 5.68 3.73 -19.32
N TRP A 282 4.54 3.08 -19.48
CA TRP A 282 4.18 1.87 -18.76
C TRP A 282 4.37 0.67 -19.68
N SER A 283 4.83 -0.45 -19.11
N SER A 283 4.83 -0.45 -19.10
CA SER A 283 5.05 -1.69 -19.90
CA SER A 283 5.04 -1.68 -19.90
C SER A 283 4.57 -2.89 -19.11
C SER A 283 4.58 -2.90 -19.12
N GLU A 284 3.83 -3.80 -19.75
CA GLU A 284 3.40 -5.03 -19.06
C GLU A 284 4.63 -5.82 -18.67
N VAL A 285 4.64 -6.38 -17.46
CA VAL A 285 5.88 -7.07 -17.02
C VAL A 285 5.65 -8.56 -16.76
N THR A 286 4.56 -8.89 -16.09
CA THR A 286 4.34 -10.31 -15.71
C THR A 286 2.92 -10.36 -15.21
N ARG A 287 2.36 -11.53 -15.05
CA ARG A 287 1.02 -11.56 -14.43
C ARG A 287 1.13 -12.27 -13.10
N MET A 288 0.41 -11.82 -12.08
CA MET A 288 0.34 -12.61 -10.87
C MET A 288 -0.24 -13.97 -11.18
N THR A 289 -0.04 -14.91 -10.26
CA THR A 289 -0.52 -16.26 -10.45
C THR A 289 -2.04 -16.35 -10.48
N SER A 290 -2.73 -15.36 -9.94
CA SER A 290 -4.19 -15.30 -10.03
C SER A 290 -4.60 -13.86 -9.77
N GLY A 291 -5.74 -13.47 -10.34
CA GLY A 291 -6.21 -12.10 -10.15
C GLY A 291 -6.71 -11.86 -8.73
N ARG A 292 -6.45 -10.66 -8.23
CA ARG A 292 -6.79 -10.34 -6.85
C ARG A 292 -6.64 -8.84 -6.66
N SER A 293 -7.36 -8.31 -5.66
CA SER A 293 -7.25 -6.92 -5.28
C SER A 293 -6.90 -6.81 -3.79
N GLY A 294 -6.60 -5.60 -3.34
CA GLY A 294 -6.43 -5.36 -1.92
C GLY A 294 -5.23 -6.04 -1.30
N VAL A 295 -4.14 -6.20 -2.05
CA VAL A 295 -2.92 -6.84 -1.55
C VAL A 295 -2.06 -5.84 -0.79
N GLY A 296 -1.10 -6.38 -0.03
CA GLY A 296 0.02 -5.63 0.49
C GLY A 296 1.26 -6.00 -0.29
N VAL A 297 2.15 -5.03 -0.49
CA VAL A 297 3.33 -5.22 -1.33
C VAL A 297 4.51 -4.54 -0.67
N ALA A 298 5.69 -5.16 -0.77
CA ALA A 298 6.94 -4.51 -0.41
C ALA A 298 8.11 -5.28 -1.01
N VAL A 299 9.29 -4.69 -0.95
CA VAL A 299 10.49 -5.25 -1.54
C VAL A 299 11.49 -5.57 -0.45
N THR A 300 12.09 -6.75 -0.52
CA THR A 300 13.20 -7.09 0.40
C THR A 300 14.02 -8.19 -0.26
N MET A 301 15.07 -8.65 0.39
CA MET A 301 15.97 -9.66 -0.18
C MET A 301 15.23 -10.98 -0.38
N GLU A 302 15.71 -11.77 -1.35
CA GLU A 302 15.09 -13.08 -1.67
C GLU A 302 15.23 -14.06 -0.51
N PRO A 303 14.29 -15.02 -0.38
CA PRO A 303 14.31 -15.99 0.71
C PRO A 303 15.47 -16.99 0.57
N CYS A 304 15.99 -17.46 1.70
CA CYS A 304 17.07 -18.48 1.67
C CYS A 304 16.44 -19.88 1.74
C1 A1LVC B . -13.46 2.07 -0.99
C2 A1LVC B . -12.48 1.68 -2.10
C3 A1LVC B . -14.51 3.07 -1.47
C5 A1LVC B . -12.70 0.96 -4.45
C6 A1LVC B . -11.38 0.70 -1.71
C9 A1LVC B . -13.58 0.20 -5.44
C10 A1LVC B . -10.13 1.17 -1.35
C11 A1LVC B . -11.59 -0.68 -1.70
C13 A1LVC B . -13.46 -1.28 -5.21
C14 A1LVC B . -9.09 0.31 -0.98
C15 A1LVC B . -10.56 -1.53 -1.33
C16 A1LVC B . -9.30 -1.05 -0.97
C17 A1LVC B . -12.70 2.55 0.25
C18 A1LVC B . -8.17 -1.96 -0.59
C19 A1LVC B . -14.58 -2.10 -5.18
C20 A1LVC B . -14.45 -3.48 -4.99
C21 A1LVC B . -12.20 -1.86 -5.04
C22 A1LVC B . -12.06 -3.23 -4.85
C23 A1LVC B . -13.18 -4.05 -4.82
C24 A1LVC B . -12.95 -5.53 -4.63
C25 A1LVC B . -13.65 -6.11 -3.42
C27 A1LVC B . -13.51 -6.57 -1.17
C28 A1LVC B . -14.78 -7.10 -1.15
C29 A1LVC B . -15.52 -7.13 -2.34
C30 A1LVC B . -14.94 -6.63 -3.50
C33 A1LVC B . -16.86 -7.10 -4.83
C34 A1LVC B . -17.24 -6.96 -6.29
F31 A1LVC B . -13.08 0.54 -6.70
N26 A1LVC B . -12.93 -6.07 -2.27
N4 A1LVC B . -13.22 1.12 -3.21
O12 A1LVC B . -15.72 2.73 -1.39
O32 A1LVC B . -15.53 -6.58 -4.73
O7 A1LVC B . -14.08 4.14 -1.93
O8 A1LVC B . -11.58 1.36 -4.72
C ACT C . 10.14 8.57 13.23
O ACT C . 9.13 7.88 13.46
OXT ACT C . 11.29 8.11 13.17
CH3 ACT C . 9.95 10.07 12.98
S SO4 D . 11.81 22.06 15.49
O1 SO4 D . 10.63 21.83 16.28
O2 SO4 D . 11.49 22.24 14.08
O3 SO4 D . 12.71 20.92 15.64
O4 SO4 D . 12.55 23.22 16.00
S SO4 E . -17.26 8.20 11.22
O1 SO4 E . -16.90 9.54 10.74
O2 SO4 E . -18.36 8.24 12.20
O3 SO4 E . -17.80 7.56 10.06
O4 SO4 E . -16.16 7.42 11.71
S SO4 F . -0.29 5.20 23.72
O1 SO4 F . -1.29 5.41 24.77
O2 SO4 F . -0.97 5.27 22.42
O3 SO4 F . 0.75 6.23 23.81
O4 SO4 F . 0.33 3.88 23.88
S SO4 G . 12.76 0.58 17.62
O1 SO4 G . 12.22 -0.03 18.83
O2 SO4 G . 11.88 1.69 17.22
O3 SO4 G . 12.90 -0.36 16.52
O4 SO4 G . 14.09 1.13 17.94
S SO4 H . 11.95 22.09 -0.33
O1 SO4 H . 11.53 23.47 -0.11
O2 SO4 H . 10.86 21.31 -0.94
O3 SO4 H . 13.09 22.03 -1.25
O4 SO4 H . 12.29 21.40 0.91
#